data_7POI
#
_entry.id   7POI
#
_cell.length_a   72.897
_cell.length_b   214.041
_cell.length_c   106.967
_cell.angle_alpha   90.000
_cell.angle_beta   90.000
_cell.angle_gamma   90.000
#
_symmetry.space_group_name_H-M   'C 2 2 21'
#
loop_
_entity.id
_entity.type
_entity.pdbx_description
1 polymer 'Bone morphogenetic protein 10'
2 polymer 'Bone morphogenetic protein 10'
3 non-polymer 'D(-)-TARTARIC ACID'
4 non-polymer 2-acetamido-2-deoxy-beta-D-glucopyranose
5 water water
#
loop_
_entity_poly.entity_id
_entity_poly.type
_entity_poly.pdbx_seq_one_letter_code
_entity_poly.pdbx_strand_id
1 'polypeptide(L)'
;NAKGNYCKRTPLYIDFKEIGWDSWIIAPPGYEAYECRGVCNYPLAEHLTPTKHAIIQALVHLKNSQKASKACCVPTKLEP
ISILYLDKGVVTYKFKYEGMAVSECGCR
;
A,B
2 'polypeptide(L)'
;SPIMNLEQSPLEEDMSLFGDVFSEQDGVDFNTLLQSMKDEFLKTLNLSDIPTQDSAKVDPPEYMLELYNKFATDRTSMPS
ANIIRSFKNEDLFSQPVSFNGLRKYPLLFNVSIPHHEEVIMAELRLYTLVQRDRMIYDGVDRKITIFEVLESKGDNEGER
NMLVLVSGEIYGTNSEWETFDVTDAIRRWQKSGSSTHQLEVHIESKHDEAEDASSGRLEIDTSAQNKHNPLLIVFSDDQS
SDKERKEELNEMISHEQLPELDNLGLDSFSSGPGEEALLQMRSNIIYDSTARIRR
;
C,D
#
loop_
_chem_comp.id
_chem_comp.type
_chem_comp.name
_chem_comp.formula
NAG D-saccharide, beta linking 2-acetamido-2-deoxy-beta-D-glucopyranose 'C8 H15 N O6'
TAR non-polymer 'D(-)-TARTARIC ACID' 'C4 H6 O6'
#
# COMPACT_ATOMS: atom_id res chain seq x y z
N ASN A 5 -22.89 16.64 -11.12
CA ASN A 5 -22.42 16.00 -12.34
C ASN A 5 -21.56 14.78 -12.03
N TYR A 6 -20.44 14.65 -12.72
CA TYR A 6 -19.56 13.50 -12.57
C TYR A 6 -18.85 13.53 -11.22
N CYS A 7 -18.17 12.43 -10.91
CA CYS A 7 -17.36 12.34 -9.69
C CYS A 7 -16.11 13.18 -9.83
N LYS A 8 -15.96 14.18 -8.97
CA LYS A 8 -14.84 15.10 -9.04
C LYS A 8 -14.57 15.66 -7.64
N ARG A 9 -13.39 16.23 -7.47
CA ARG A 9 -13.01 16.80 -6.18
C ARG A 9 -13.54 18.23 -6.10
N THR A 10 -14.30 18.52 -5.03
CA THR A 10 -14.90 19.82 -4.84
C THR A 10 -14.29 20.50 -3.61
N PRO A 11 -14.28 21.84 -3.57
CA PRO A 11 -13.66 22.53 -2.44
C PRO A 11 -14.42 22.28 -1.15
N LEU A 12 -13.68 22.33 -0.04
CA LEU A 12 -14.25 22.13 1.29
C LEU A 12 -13.26 22.55 2.37
N TYR A 13 -13.51 23.68 3.02
CA TYR A 13 -12.66 24.14 4.11
C TYR A 13 -13.25 23.71 5.44
N ILE A 14 -12.37 23.23 6.33
CA ILE A 14 -12.76 22.72 7.64
C ILE A 14 -12.07 23.56 8.70
N ASP A 15 -12.85 24.31 9.46
CA ASP A 15 -12.34 25.05 10.61
C ASP A 15 -12.41 24.16 11.85
N PHE A 16 -11.27 24.00 12.53
CA PHE A 16 -11.19 23.07 13.65
C PHE A 16 -12.06 23.49 14.83
N LYS A 17 -12.42 24.76 14.93
CA LYS A 17 -13.30 25.16 16.02
C LYS A 17 -14.73 24.70 15.76
N GLU A 18 -15.11 24.55 14.50
CA GLU A 18 -16.47 24.10 14.17
C GLU A 18 -16.71 22.67 14.64
N ILE A 19 -15.69 21.81 14.55
CA ILE A 19 -15.83 20.41 14.94
C ILE A 19 -15.32 20.13 16.34
N GLY A 20 -14.89 21.16 17.08
CA GLY A 20 -14.43 20.98 18.43
C GLY A 20 -13.03 20.42 18.56
N TRP A 21 -12.29 20.28 17.46
CA TRP A 21 -10.93 19.76 17.50
C TRP A 21 -9.89 20.81 17.86
N ASP A 22 -10.30 22.06 18.06
CA ASP A 22 -9.36 23.08 18.51
C ASP A 22 -8.91 22.86 19.94
N SER A 23 -9.55 21.93 20.66
CA SER A 23 -9.14 21.65 22.03
C SER A 23 -7.76 21.01 22.09
N TRP A 24 -7.45 20.14 21.13
CA TRP A 24 -6.16 19.47 21.11
C TRP A 24 -5.27 19.88 19.95
N ILE A 25 -5.82 20.52 18.92
CA ILE A 25 -5.02 21.02 17.81
C ILE A 25 -4.64 22.46 18.09
N ILE A 26 -3.33 22.71 18.18
CA ILE A 26 -2.84 24.06 18.42
C ILE A 26 -2.85 24.87 17.14
N ALA A 27 -2.26 24.32 16.08
CA ALA A 27 -2.17 24.98 14.78
C ALA A 27 -2.17 23.90 13.72
N PRO A 28 -2.78 24.16 12.55
CA PRO A 28 -3.46 25.38 12.13
C PRO A 28 -4.88 25.50 12.67
N PRO A 29 -5.52 26.66 12.48
CA PRO A 29 -6.96 26.74 12.80
C PRO A 29 -7.83 26.00 11.82
N GLY A 30 -7.32 25.67 10.65
CA GLY A 30 -8.10 24.95 9.66
C GLY A 30 -7.26 24.65 8.44
N TYR A 31 -7.90 24.04 7.45
CA TYR A 31 -7.22 23.66 6.22
C TYR A 31 -8.27 23.26 5.19
N GLU A 32 -7.84 23.19 3.93
CA GLU A 32 -8.71 22.77 2.84
C GLU A 32 -8.61 21.24 2.71
N ALA A 33 -9.66 20.55 3.11
CA ALA A 33 -9.68 19.09 3.05
C ALA A 33 -10.29 18.55 1.77
N TYR A 34 -11.10 19.36 1.07
CA TYR A 34 -11.81 18.94 -0.13
C TYR A 34 -12.77 17.79 0.16
N GLU A 35 -13.49 17.33 -0.85
CA GLU A 35 -14.34 16.16 -0.75
C GLU A 35 -14.63 15.67 -2.16
N CYS A 36 -15.19 14.46 -2.25
CA CYS A 36 -15.52 13.84 -3.52
C CYS A 36 -17.03 13.85 -3.69
N ARG A 37 -17.51 14.61 -4.66
CA ARG A 37 -18.92 14.72 -4.98
C ARG A 37 -19.16 14.29 -6.41
N GLY A 38 -20.28 13.61 -6.65
CA GLY A 38 -20.61 13.17 -7.98
C GLY A 38 -21.22 11.79 -8.04
N VAL A 39 -21.53 11.32 -9.26
CA VAL A 39 -22.15 10.03 -9.46
C VAL A 39 -21.21 9.16 -10.28
N CYS A 40 -21.39 7.84 -10.14
CA CYS A 40 -20.56 6.83 -10.82
C CYS A 40 -21.50 5.91 -11.60
N ASN A 41 -21.91 6.34 -12.78
CA ASN A 41 -22.76 5.55 -13.66
C ASN A 41 -21.91 4.84 -14.70
N TYR A 42 -22.29 3.62 -15.01
CA TYR A 42 -21.59 2.84 -16.02
C TYR A 42 -21.74 3.52 -17.38
N PRO A 43 -20.66 3.64 -18.17
CA PRO A 43 -19.32 3.15 -17.87
C PRO A 43 -18.50 4.12 -17.01
N LEU A 44 -17.53 3.61 -16.26
CA LEU A 44 -16.68 4.41 -15.39
C LEU A 44 -15.41 4.78 -16.13
N ALA A 45 -15.14 6.08 -16.25
CA ALA A 45 -13.94 6.55 -16.93
C ALA A 45 -12.70 6.10 -16.18
N GLU A 46 -11.61 5.89 -16.92
CA GLU A 46 -10.39 5.37 -16.33
C GLU A 46 -9.66 6.39 -15.47
N HIS A 47 -9.98 7.68 -15.62
CA HIS A 47 -9.37 8.68 -14.75
C HIS A 47 -9.86 8.58 -13.31
N LEU A 48 -10.93 7.84 -13.07
CA LEU A 48 -11.40 7.56 -11.72
C LEU A 48 -10.77 6.30 -11.14
N THR A 49 -9.85 5.68 -11.85
CA THR A 49 -9.18 4.45 -11.43
C THR A 49 -10.17 3.41 -10.90
N PRO A 50 -11.17 3.02 -11.69
CA PRO A 50 -12.21 2.12 -11.18
C PRO A 50 -11.68 0.71 -11.02
N THR A 51 -11.98 0.10 -9.88
CA THR A 51 -11.62 -1.29 -9.66
C THR A 51 -12.51 -2.20 -10.51
N LYS A 52 -12.05 -3.45 -10.67
CA LYS A 52 -12.84 -4.42 -11.42
C LYS A 52 -14.20 -4.64 -10.77
N HIS A 53 -14.25 -4.70 -9.44
CA HIS A 53 -15.52 -4.89 -8.76
C HIS A 53 -16.43 -3.66 -8.92
N ALA A 54 -15.85 -2.47 -8.88
CA ALA A 54 -16.64 -1.26 -9.10
C ALA A 54 -17.22 -1.23 -10.50
N ILE A 55 -16.51 -1.80 -11.48
CA ILE A 55 -17.02 -1.83 -12.84
C ILE A 55 -18.21 -2.76 -12.95
N ILE A 56 -18.11 -3.96 -12.38
CA ILE A 56 -19.19 -4.93 -12.50
C ILE A 56 -20.40 -4.49 -11.69
N GLN A 57 -20.18 -4.00 -10.47
CA GLN A 57 -21.30 -3.55 -9.65
C GLN A 57 -22.06 -2.43 -10.33
N ALA A 58 -21.35 -1.51 -10.99
CA ALA A 58 -22.03 -0.47 -11.76
C ALA A 58 -22.75 -1.04 -12.97
N LEU A 59 -22.25 -2.16 -13.51
CA LEU A 59 -22.88 -2.77 -14.66
C LEU A 59 -24.14 -3.54 -14.27
N VAL A 60 -24.10 -4.24 -13.14
CA VAL A 60 -25.29 -4.96 -12.66
C VAL A 60 -26.38 -3.98 -12.27
N HIS A 61 -26.00 -2.83 -11.71
CA HIS A 61 -26.98 -1.81 -11.35
C HIS A 61 -27.62 -1.18 -12.58
N LEU A 62 -26.90 -1.14 -13.70
CA LEU A 62 -27.45 -0.54 -14.91
C LEU A 62 -28.64 -1.34 -15.44
N LYS A 63 -28.54 -2.68 -15.43
CA LYS A 63 -29.62 -3.51 -15.92
C LYS A 63 -30.73 -3.64 -14.87
N ASN A 64 -30.37 -4.15 -13.70
CA ASN A 64 -31.30 -4.34 -12.58
C ASN A 64 -30.83 -3.42 -11.45
N SER A 65 -31.51 -2.28 -11.30
CA SER A 65 -31.13 -1.31 -10.27
C SER A 65 -31.42 -1.79 -8.85
N GLN A 66 -32.23 -2.84 -8.68
CA GLN A 66 -32.54 -3.36 -7.35
C GLN A 66 -31.69 -4.56 -6.97
N LYS A 67 -30.90 -5.10 -7.89
CA LYS A 67 -30.03 -6.23 -7.56
C LYS A 67 -28.74 -5.78 -6.89
N ALA A 68 -28.26 -4.57 -7.21
CA ALA A 68 -27.02 -4.08 -6.63
C ALA A 68 -27.05 -2.55 -6.65
N SER A 69 -26.43 -1.97 -5.62
CA SER A 69 -26.34 -0.52 -5.53
C SER A 69 -25.33 0.00 -6.55
N LYS A 70 -25.23 1.33 -6.61
CA LYS A 70 -24.33 1.99 -7.54
C LYS A 70 -23.00 2.33 -6.87
N ALA A 71 -21.94 2.35 -7.67
CA ALA A 71 -20.61 2.67 -7.18
C ALA A 71 -20.57 4.08 -6.60
N CYS A 72 -19.79 4.27 -5.55
CA CYS A 72 -19.76 5.52 -4.81
C CYS A 72 -18.52 6.34 -5.13
N CYS A 73 -18.67 7.66 -5.05
CA CYS A 73 -17.59 8.61 -5.34
C CYS A 73 -16.89 8.94 -4.03
N VAL A 74 -15.72 8.34 -3.82
CA VAL A 74 -14.98 8.48 -2.56
C VAL A 74 -13.56 8.93 -2.87
N PRO A 75 -12.85 9.46 -1.88
CA PRO A 75 -11.43 9.75 -2.08
C PRO A 75 -10.63 8.48 -2.30
N THR A 76 -9.72 8.53 -3.27
CA THR A 76 -8.85 7.41 -3.57
C THR A 76 -7.39 7.65 -3.20
N LYS A 77 -7.00 8.91 -2.96
CA LYS A 77 -5.66 9.23 -2.49
C LYS A 77 -5.76 10.43 -1.57
N LEU A 78 -5.18 10.29 -0.37
CA LEU A 78 -5.22 11.33 0.64
C LEU A 78 -3.82 11.88 0.88
N GLU A 79 -3.75 13.16 1.24
CA GLU A 79 -2.50 13.84 1.46
C GLU A 79 -2.37 14.28 2.92
N PRO A 80 -1.16 14.39 3.44
CA PRO A 80 -0.97 14.84 4.81
C PRO A 80 -0.83 16.36 4.90
N ILE A 81 -0.92 16.86 6.14
CA ILE A 81 -0.68 18.26 6.45
C ILE A 81 0.13 18.34 7.74
N SER A 82 0.85 19.45 7.90
CA SER A 82 1.59 19.70 9.13
C SER A 82 0.63 20.12 10.23
N ILE A 83 0.72 19.46 11.38
CA ILE A 83 -0.18 19.72 12.50
C ILE A 83 0.62 19.77 13.79
N LEU A 84 0.43 20.85 14.56
CA LEU A 84 0.93 20.95 15.93
C LEU A 84 -0.24 20.74 16.88
N TYR A 85 -0.11 19.78 17.79
CA TYR A 85 -1.24 19.37 18.60
C TYR A 85 -0.74 18.85 19.94
N LEU A 86 -1.69 18.53 20.83
CA LEU A 86 -1.42 17.97 22.15
C LEU A 86 -1.80 16.50 22.15
N ASP A 87 -0.81 15.63 22.31
CA ASP A 87 -1.02 14.18 22.37
C ASP A 87 -0.78 13.73 23.80
N LYS A 88 -1.86 13.42 24.51
CA LYS A 88 -1.82 12.95 25.90
C LYS A 88 -1.16 13.95 26.84
N GLY A 89 -1.11 15.22 26.46
CA GLY A 89 -0.55 16.26 27.29
C GLY A 89 0.82 16.73 26.85
N VAL A 90 1.44 16.07 25.89
CA VAL A 90 2.75 16.44 25.36
C VAL A 90 2.56 17.17 24.04
N VAL A 91 3.28 18.26 23.87
CA VAL A 91 3.18 19.07 22.64
C VAL A 91 3.88 18.31 21.52
N THR A 92 3.10 17.85 20.54
CA THR A 92 3.60 17.04 19.44
C THR A 92 3.39 17.77 18.11
N TYR A 93 4.38 17.64 17.22
CA TYR A 93 4.31 18.20 15.88
C TYR A 93 4.59 17.12 14.86
N LYS A 94 3.65 16.88 13.96
CA LYS A 94 3.82 15.96 12.84
C LYS A 94 3.86 16.76 11.56
N PHE A 95 4.97 16.65 10.83
CA PHE A 95 5.09 17.35 9.55
C PHE A 95 4.18 16.74 8.49
N LYS A 96 3.94 15.43 8.56
CA LYS A 96 3.01 14.72 7.67
C LYS A 96 2.00 13.96 8.52
N TYR A 97 0.89 14.62 8.83
CA TYR A 97 -0.25 13.97 9.47
C TYR A 97 -1.12 13.37 8.37
N GLU A 98 -0.97 12.07 8.14
CA GLU A 98 -1.51 11.45 6.93
C GLU A 98 -3.03 11.36 6.97
N GLY A 99 -3.64 11.43 5.79
CA GLY A 99 -5.05 11.16 5.63
C GLY A 99 -5.97 12.34 5.80
N MET A 100 -5.49 13.56 5.58
CA MET A 100 -6.28 14.75 5.91
C MET A 100 -6.91 15.41 4.70
N ALA A 101 -6.20 15.55 3.59
CA ALA A 101 -6.71 16.22 2.40
C ALA A 101 -6.86 15.25 1.25
N VAL A 102 -7.85 15.51 0.40
CA VAL A 102 -8.10 14.69 -0.78
C VAL A 102 -7.28 15.24 -1.94
N SER A 103 -6.62 14.34 -2.67
CA SER A 103 -5.91 14.70 -3.88
C SER A 103 -6.50 14.07 -5.12
N GLU A 104 -7.10 12.89 -5.01
CA GLU A 104 -7.68 12.18 -6.14
C GLU A 104 -8.98 11.54 -5.71
N CYS A 105 -10.03 11.71 -6.51
CA CYS A 105 -11.30 11.03 -6.31
C CYS A 105 -11.45 9.91 -7.33
N GLY A 106 -12.38 9.01 -7.05
CA GLY A 106 -12.62 7.90 -7.96
C GLY A 106 -13.81 7.08 -7.49
N CYS A 107 -14.16 6.11 -8.34
CA CYS A 107 -15.32 5.25 -8.09
C CYS A 107 -14.85 3.93 -7.50
N ARG A 108 -15.52 3.49 -6.44
CA ARG A 108 -15.18 2.24 -5.77
C ARG A 108 -16.44 1.43 -5.46
N ASN B 5 -28.80 -0.83 8.05
CA ASN B 5 -28.06 -0.57 9.27
C ASN B 5 -26.64 -0.07 8.99
N TYR B 6 -25.68 -0.62 9.74
CA TYR B 6 -24.30 -0.20 9.63
C TYR B 6 -23.71 -0.62 8.29
N CYS B 7 -22.50 -0.13 8.03
CA CYS B 7 -21.78 -0.52 6.83
C CYS B 7 -21.29 -1.95 7.00
N LYS B 8 -21.74 -2.84 6.11
CA LYS B 8 -21.39 -4.25 6.20
C LYS B 8 -21.47 -4.88 4.81
N ARG B 9 -20.84 -6.05 4.67
CA ARG B 9 -20.82 -6.77 3.42
C ARG B 9 -22.07 -7.62 3.25
N THR B 10 -22.77 -7.43 2.12
CA THR B 10 -23.99 -8.16 1.80
C THR B 10 -23.76 -9.06 0.59
N PRO B 11 -24.51 -10.15 0.47
CA PRO B 11 -24.30 -11.08 -0.64
C PRO B 11 -24.65 -10.47 -1.99
N LEU B 12 -23.98 -10.99 -3.03
CA LEU B 12 -24.21 -10.56 -4.40
C LEU B 12 -23.57 -11.53 -5.38
N TYR B 13 -24.39 -12.33 -6.05
CA TYR B 13 -23.90 -13.24 -7.07
C TYR B 13 -24.01 -12.57 -8.43
N ILE B 14 -22.96 -12.69 -9.23
CA ILE B 14 -22.88 -12.06 -10.53
C ILE B 14 -22.73 -13.16 -11.56
N ASP B 15 -23.76 -13.35 -12.38
CA ASP B 15 -23.70 -14.28 -13.49
C ASP B 15 -23.18 -13.54 -14.72
N PHE B 16 -22.12 -14.10 -15.32
CA PHE B 16 -21.45 -13.41 -16.42
C PHE B 16 -22.32 -13.31 -17.67
N LYS B 17 -23.30 -14.20 -17.83
CA LYS B 17 -24.21 -14.07 -18.97
C LYS B 17 -25.22 -12.95 -18.76
N GLU B 18 -25.57 -12.65 -17.51
CA GLU B 18 -26.52 -11.56 -17.25
C GLU B 18 -25.92 -10.22 -17.67
N ILE B 19 -24.62 -10.05 -17.48
CA ILE B 19 -23.94 -8.81 -17.83
C ILE B 19 -23.23 -8.91 -19.18
N GLY B 20 -23.37 -10.02 -19.89
CA GLY B 20 -22.77 -10.18 -21.19
C GLY B 20 -21.30 -10.51 -21.20
N TRP B 21 -20.69 -10.77 -20.04
CA TRP B 21 -19.28 -11.11 -19.99
C TRP B 21 -19.00 -12.57 -20.29
N ASP B 22 -20.03 -13.38 -20.54
CA ASP B 22 -19.80 -14.76 -20.96
C ASP B 22 -19.22 -14.86 -22.36
N SER B 23 -19.18 -13.74 -23.10
CA SER B 23 -18.60 -13.76 -24.45
C SER B 23 -17.11 -14.02 -24.41
N TRP B 24 -16.41 -13.45 -23.43
CA TRP B 24 -14.97 -13.62 -23.32
C TRP B 24 -14.52 -14.41 -22.11
N ILE B 25 -15.36 -14.61 -21.10
CA ILE B 25 -15.00 -15.40 -19.94
C ILE B 25 -15.45 -16.85 -20.16
N ILE B 26 -14.49 -17.77 -20.14
CA ILE B 26 -14.82 -19.18 -20.33
C ILE B 26 -15.37 -19.79 -19.04
N ALA B 27 -14.64 -19.61 -17.94
CA ALA B 27 -15.03 -20.15 -16.66
C ALA B 27 -14.51 -19.22 -15.57
N PRO B 28 -15.26 -19.03 -14.47
CA PRO B 28 -16.55 -19.67 -14.20
C PRO B 28 -17.69 -18.96 -14.92
N PRO B 29 -18.90 -19.53 -14.89
CA PRO B 29 -20.07 -18.78 -15.40
C PRO B 29 -20.47 -17.63 -14.49
N GLY B 30 -20.00 -17.62 -13.25
CA GLY B 30 -20.33 -16.55 -12.33
C GLY B 30 -19.60 -16.78 -11.02
N TYR B 31 -19.86 -15.86 -10.09
CA TYR B 31 -19.20 -15.94 -8.78
C TYR B 31 -19.89 -14.96 -7.85
N GLU B 32 -19.61 -15.13 -6.56
CA GLU B 32 -20.14 -14.25 -5.52
C GLU B 32 -19.16 -13.09 -5.35
N ALA B 33 -19.57 -11.91 -5.80
CA ALA B 33 -18.71 -10.73 -5.70
C ALA B 33 -18.96 -9.91 -4.45
N TYR B 34 -20.12 -10.09 -3.81
CA TYR B 34 -20.53 -9.32 -2.65
C TYR B 34 -20.64 -7.83 -2.98
N GLU B 35 -21.05 -7.03 -2.00
CA GLU B 35 -21.09 -5.59 -2.12
C GLU B 35 -21.17 -4.98 -0.73
N CYS B 36 -20.95 -3.67 -0.66
CA CYS B 36 -20.98 -2.94 0.61
C CYS B 36 -22.21 -2.05 0.64
N ARG B 37 -23.15 -2.36 1.53
CA ARG B 37 -24.35 -1.57 1.71
C ARG B 37 -24.43 -1.11 3.17
N GLY B 38 -24.92 0.10 3.38
CA GLY B 38 -25.06 0.64 4.72
C GLY B 38 -24.72 2.11 4.81
N VAL B 39 -24.79 2.68 6.01
CA VAL B 39 -24.53 4.09 6.22
C VAL B 39 -23.33 4.26 7.13
N CYS B 40 -22.71 5.44 7.03
CA CYS B 40 -21.51 5.78 7.80
C CYS B 40 -21.78 7.08 8.54
N ASN B 41 -22.47 6.99 9.67
CA ASN B 41 -22.75 8.14 10.50
C ASN B 41 -21.73 8.24 11.63
N TYR B 42 -21.35 9.46 11.96
CA TYR B 42 -20.40 9.69 13.05
C TYR B 42 -21.02 9.23 14.36
N PRO B 43 -20.28 8.50 15.21
CA PRO B 43 -18.88 8.12 14.99
C PRO B 43 -18.71 6.87 14.13
N LEU B 44 -17.58 6.76 13.46
CA LEU B 44 -17.28 5.62 12.60
C LEU B 44 -16.49 4.59 13.40
N ALA B 45 -17.03 3.37 13.49
CA ALA B 45 -16.36 2.32 14.23
C ALA B 45 -15.02 1.97 13.60
N GLU B 46 -14.08 1.53 14.42
CA GLU B 46 -12.74 1.25 13.92
C GLU B 46 -12.69 -0.02 13.08
N HIS B 47 -13.68 -0.89 13.20
CA HIS B 47 -13.72 -2.06 12.33
C HIS B 47 -14.04 -1.69 10.88
N LEU B 48 -14.50 -0.46 10.65
CA LEU B 48 -14.72 0.05 9.30
C LEU B 48 -13.48 0.74 8.73
N THR B 49 -12.37 0.72 9.47
CA THR B 49 -11.13 1.34 9.05
C THR B 49 -11.30 2.75 8.48
N PRO B 50 -11.92 3.66 9.23
CA PRO B 50 -12.20 4.99 8.68
C PRO B 50 -10.93 5.82 8.59
N THR B 51 -10.74 6.47 7.45
CA THR B 51 -9.63 7.40 7.29
C THR B 51 -9.89 8.68 8.09
N LYS B 52 -8.81 9.44 8.32
CA LYS B 52 -8.97 10.70 9.03
C LYS B 52 -9.92 11.62 8.28
N HIS B 53 -9.84 11.65 6.95
CA HIS B 53 -10.75 12.48 6.18
C HIS B 53 -12.18 11.96 6.29
N ALA B 54 -12.37 10.63 6.29
CA ALA B 54 -13.71 10.08 6.46
C ALA B 54 -14.27 10.39 7.84
N ILE B 55 -13.40 10.49 8.85
CA ILE B 55 -13.87 10.82 10.19
C ILE B 55 -14.34 12.27 10.24
N ILE B 56 -13.53 13.19 9.71
CA ILE B 56 -13.88 14.61 9.79
C ILE B 56 -15.08 14.91 8.90
N GLN B 57 -15.12 14.35 7.68
CA GLN B 57 -16.24 14.59 6.79
C GLN B 57 -17.54 14.09 7.42
N ALA B 58 -17.50 12.95 8.10
CA ALA B 58 -18.68 12.47 8.81
C ALA B 58 -19.00 13.35 10.02
N LEU B 59 -17.98 13.95 10.63
CA LEU B 59 -18.21 14.78 11.81
C LEU B 59 -18.76 16.15 11.43
N VAL B 60 -18.25 16.76 10.37
CA VAL B 60 -18.78 18.05 9.94
C VAL B 60 -20.20 17.90 9.43
N HIS B 61 -20.51 16.78 8.77
CA HIS B 61 -21.87 16.55 8.32
C HIS B 61 -22.82 16.31 9.50
N LEU B 62 -22.30 15.74 10.59
CA LEU B 62 -23.15 15.51 11.76
C LEU B 62 -23.57 16.82 12.39
N LYS B 63 -22.65 17.77 12.51
CA LYS B 63 -22.97 19.06 13.09
C LYS B 63 -23.65 19.98 12.09
N ASN B 64 -22.98 20.27 10.97
CA ASN B 64 -23.50 21.16 9.94
C ASN B 64 -23.74 20.37 8.66
N SER B 65 -24.98 19.96 8.44
CA SER B 65 -25.31 19.27 7.20
C SER B 65 -25.29 20.27 6.05
N GLN B 66 -25.32 19.74 4.83
CA GLN B 66 -25.32 20.53 3.59
C GLN B 66 -24.00 21.26 3.37
N LYS B 67 -23.11 21.23 4.37
CA LYS B 67 -21.75 21.72 4.17
C LYS B 67 -20.85 20.63 3.59
N ALA B 68 -21.14 19.38 3.89
CA ALA B 68 -20.35 18.25 3.42
C ALA B 68 -21.23 17.02 3.38
N SER B 69 -20.97 16.15 2.40
CA SER B 69 -21.69 14.90 2.30
C SER B 69 -21.22 13.95 3.41
N LYS B 70 -21.87 12.79 3.47
CA LYS B 70 -21.54 11.78 4.48
C LYS B 70 -20.54 10.78 3.92
N ALA B 71 -19.72 10.22 4.80
CA ALA B 71 -18.75 9.22 4.39
C ALA B 71 -19.47 8.03 3.78
N CYS B 72 -18.87 7.44 2.76
CA CYS B 72 -19.55 6.41 1.99
C CYS B 72 -19.02 5.03 2.36
N CYS B 73 -19.91 4.04 2.26
CA CYS B 73 -19.62 2.64 2.59
C CYS B 73 -19.16 1.95 1.32
N VAL B 74 -17.85 1.77 1.18
CA VAL B 74 -17.26 1.22 -0.04
C VAL B 74 -16.38 0.03 0.34
N PRO B 75 -16.06 -0.83 -0.63
CA PRO B 75 -15.09 -1.89 -0.37
C PRO B 75 -13.71 -1.32 -0.07
N THR B 76 -13.05 -1.88 0.94
CA THR B 76 -11.72 -1.45 1.29
C THR B 76 -10.64 -2.48 0.98
N LYS B 77 -11.01 -3.73 0.75
CA LYS B 77 -10.07 -4.76 0.36
C LYS B 77 -10.76 -5.73 -0.58
N LEU B 78 -10.15 -5.99 -1.74
CA LEU B 78 -10.72 -6.87 -2.75
C LEU B 78 -9.86 -8.11 -2.92
N GLU B 79 -10.51 -9.21 -3.30
CA GLU B 79 -9.87 -10.50 -3.47
C GLU B 79 -9.94 -10.96 -4.92
N PRO B 80 -8.99 -11.77 -5.37
CA PRO B 80 -9.03 -12.31 -6.73
C PRO B 80 -9.79 -13.63 -6.81
N ILE B 81 -10.07 -14.02 -8.06
CA ILE B 81 -10.65 -15.34 -8.36
C ILE B 81 -9.95 -15.89 -9.59
N SER B 82 -9.96 -17.22 -9.70
CA SER B 82 -9.41 -17.86 -10.88
C SER B 82 -10.36 -17.70 -12.05
N ILE B 83 -9.84 -17.24 -13.19
CA ILE B 83 -10.65 -16.96 -14.36
C ILE B 83 -9.94 -17.49 -15.60
N LEU B 84 -10.64 -18.30 -16.39
CA LEU B 84 -10.19 -18.72 -17.71
C LEU B 84 -10.99 -17.92 -18.74
N TYR B 85 -10.28 -17.19 -19.61
CA TYR B 85 -10.93 -16.22 -20.47
C TYR B 85 -10.14 -16.07 -21.76
N LEU B 86 -10.67 -15.23 -22.65
CA LEU B 86 -10.03 -14.89 -23.92
C LEU B 86 -9.51 -13.47 -23.84
N ASP B 87 -8.19 -13.31 -23.92
CA ASP B 87 -7.54 -12.00 -23.93
C ASP B 87 -7.05 -11.76 -25.34
N LYS B 88 -7.76 -10.91 -26.08
CA LYS B 88 -7.43 -10.55 -27.47
C LYS B 88 -7.43 -11.77 -28.39
N GLY B 89 -8.12 -12.84 -28.01
CA GLY B 89 -8.25 -14.03 -28.85
C GLY B 89 -7.42 -15.23 -28.40
N VAL B 90 -6.53 -15.08 -27.43
CA VAL B 90 -5.73 -16.19 -26.93
C VAL B 90 -6.34 -16.69 -25.63
N VAL B 91 -6.39 -18.01 -25.47
CA VAL B 91 -6.98 -18.61 -24.27
C VAL B 91 -6.02 -18.36 -23.10
N THR B 92 -6.44 -17.53 -22.16
CA THR B 92 -5.63 -17.13 -21.03
C THR B 92 -6.29 -17.60 -19.74
N TYR B 93 -5.47 -18.04 -18.78
CA TYR B 93 -5.93 -18.45 -17.47
C TYR B 93 -5.15 -17.70 -16.41
N LYS B 94 -5.86 -16.95 -15.56
CA LYS B 94 -5.25 -16.27 -14.43
C LYS B 94 -5.75 -16.91 -13.15
N PHE B 95 -4.82 -17.43 -12.35
CA PHE B 95 -5.21 -18.02 -11.07
C PHE B 95 -5.69 -16.96 -10.09
N LYS B 96 -5.13 -15.75 -10.17
CA LYS B 96 -5.55 -14.63 -9.35
C LYS B 96 -5.87 -13.46 -10.29
N TYR B 97 -7.13 -13.38 -10.72
CA TYR B 97 -7.63 -12.21 -11.44
C TYR B 97 -8.07 -11.21 -10.38
N GLU B 98 -7.23 -10.21 -10.11
CA GLU B 98 -7.40 -9.38 -8.92
C GLU B 98 -8.59 -8.43 -9.05
N GLY B 99 -9.21 -8.13 -7.90
CA GLY B 99 -10.20 -7.09 -7.82
C GLY B 99 -11.64 -7.50 -8.08
N MET B 100 -11.99 -8.76 -7.85
CA MET B 100 -13.30 -9.27 -8.25
C MET B 100 -14.29 -9.39 -7.10
N ALA B 101 -13.86 -9.87 -5.93
CA ALA B 101 -14.76 -10.08 -4.80
C ALA B 101 -14.39 -9.16 -3.65
N VAL B 102 -15.40 -8.78 -2.86
CA VAL B 102 -15.20 -7.92 -1.71
C VAL B 102 -14.87 -8.79 -0.51
N SER B 103 -13.86 -8.38 0.27
CA SER B 103 -13.51 -9.06 1.50
C SER B 103 -13.71 -8.19 2.74
N GLU B 104 -13.54 -6.88 2.63
CA GLU B 104 -13.70 -5.96 3.75
C GLU B 104 -14.37 -4.69 3.26
N CYS B 105 -15.38 -4.22 3.99
CA CYS B 105 -16.01 -2.95 3.72
C CYS B 105 -15.53 -1.90 4.73
N GLY B 106 -15.80 -0.63 4.41
CA GLY B 106 -15.39 0.44 5.30
C GLY B 106 -15.93 1.77 4.82
N CYS B 107 -15.72 2.78 5.66
CA CYS B 107 -16.20 4.14 5.39
C CYS B 107 -15.07 4.99 4.86
N ARG B 108 -15.33 5.71 3.77
CA ARG B 108 -14.32 6.56 3.13
C ARG B 108 -14.91 7.91 2.76
N VAL C 58 0.82 30.53 26.05
CA VAL C 58 2.17 30.01 26.22
C VAL C 58 2.13 28.52 26.54
N ASP C 59 0.92 27.97 26.64
CA ASP C 59 0.77 26.52 26.79
C ASP C 59 1.54 25.73 25.73
N PRO C 60 1.54 26.13 24.45
CA PRO C 60 2.50 25.55 23.51
C PRO C 60 3.83 26.28 23.61
N PRO C 61 4.92 25.55 23.85
CA PRO C 61 6.24 26.21 23.89
C PRO C 61 6.50 26.98 22.61
N GLU C 62 7.12 28.14 22.75
CA GLU C 62 7.42 28.96 21.58
C GLU C 62 8.36 28.26 20.62
N TYR C 63 9.13 27.28 21.09
CA TYR C 63 9.97 26.51 20.18
C TYR C 63 9.12 25.67 19.24
N MET C 64 8.16 24.91 19.78
CA MET C 64 7.28 24.12 18.93
C MET C 64 6.45 25.00 18.02
N LEU C 65 6.04 26.18 18.50
CA LEU C 65 5.38 27.14 17.63
C LEU C 65 6.33 27.67 16.56
N GLU C 66 7.59 27.93 16.93
CA GLU C 66 8.58 28.37 15.95
C GLU C 66 8.90 27.28 14.94
N LEU C 67 8.90 26.02 15.39
CA LEU C 67 9.11 24.91 14.45
C LEU C 67 7.99 24.86 13.42
N TYR C 68 6.74 24.97 13.88
CA TYR C 68 5.61 24.94 12.94
C TYR C 68 5.72 26.08 11.93
N ASN C 69 6.08 27.28 12.39
CA ASN C 69 6.15 28.42 11.47
C ASN C 69 7.38 28.34 10.58
N LYS C 70 8.45 27.69 11.04
CA LYS C 70 9.64 27.55 10.21
C LYS C 70 9.33 26.71 8.97
N PHE C 71 8.71 25.55 9.15
CA PHE C 71 8.46 24.63 8.06
C PHE C 71 7.21 24.98 7.26
N ALA C 72 6.33 25.83 7.80
CA ALA C 72 5.16 26.24 7.05
C ALA C 72 5.47 27.38 6.09
N THR C 73 6.35 28.30 6.50
CA THR C 73 6.70 29.40 5.62
C THR C 73 7.83 29.01 4.67
N ASP C 74 8.82 28.28 5.16
CA ASP C 74 9.96 27.84 4.36
C ASP C 74 9.75 26.37 4.03
N ARG C 75 9.15 26.10 2.87
CA ARG C 75 8.89 24.74 2.45
C ARG C 75 10.07 24.08 1.76
N THR C 76 11.23 24.74 1.73
CA THR C 76 12.44 24.15 1.17
C THR C 76 13.12 23.20 2.15
N SER C 77 12.66 23.10 3.39
CA SER C 77 13.23 22.20 4.37
C SER C 77 12.10 21.56 5.18
N MET C 78 12.42 20.42 5.79
CA MET C 78 11.48 19.64 6.56
C MET C 78 12.21 19.02 7.74
N PRO C 79 11.49 18.64 8.80
CA PRO C 79 12.16 18.05 9.97
C PRO C 79 12.88 16.76 9.61
N SER C 80 13.95 16.47 10.37
CA SER C 80 14.70 15.24 10.17
C SER C 80 13.87 14.01 10.49
N ALA C 81 12.83 14.15 11.30
CA ALA C 81 11.92 13.07 11.61
C ALA C 81 10.49 13.55 11.42
N ASN C 82 9.57 12.59 11.35
CA ASN C 82 8.17 12.92 11.10
C ASN C 82 7.46 13.43 12.36
N ILE C 83 7.88 12.98 13.54
CA ILE C 83 7.19 13.26 14.79
C ILE C 83 8.16 13.95 15.74
N ILE C 84 7.76 15.13 16.24
CA ILE C 84 8.58 15.92 17.14
C ILE C 84 7.78 16.15 18.42
N ARG C 85 8.36 15.75 19.55
CA ARG C 85 7.73 15.94 20.85
C ARG C 85 8.60 16.86 21.71
N SER C 86 7.93 17.61 22.59
CA SER C 86 8.59 18.53 23.51
C SER C 86 8.18 18.14 24.93
N PHE C 87 9.15 17.67 25.71
CA PHE C 87 8.91 17.26 27.09
C PHE C 87 9.43 18.35 28.01
N LYS C 88 8.51 18.99 28.75
CA LYS C 88 8.88 20.08 29.64
C LYS C 88 9.54 19.54 30.90
N ASN C 89 10.43 20.35 31.47
CA ASN C 89 10.99 20.06 32.77
C ASN C 89 9.90 20.18 33.83
N GLU C 90 9.94 19.28 34.82
CA GLU C 90 8.92 19.23 35.86
C GLU C 90 9.49 19.53 37.25
N ASP C 91 10.72 20.02 37.33
CA ASP C 91 11.34 20.38 38.61
C ASP C 91 11.56 21.89 38.59
N LEU C 92 10.50 22.63 38.90
CA LEU C 92 10.52 24.09 38.86
C LEU C 92 10.77 24.71 40.23
N PHE C 93 11.11 23.90 41.24
CA PHE C 93 11.31 24.40 42.59
C PHE C 93 12.74 24.22 43.10
N SER C 94 13.61 23.55 42.36
CA SER C 94 14.98 23.35 42.79
C SER C 94 15.82 24.58 42.44
N GLN C 95 16.77 24.90 43.33
CA GLN C 95 17.64 26.04 43.16
C GLN C 95 19.06 25.58 42.81
N PRO C 96 19.71 26.21 41.84
CA PRO C 96 21.07 25.78 41.47
C PRO C 96 22.08 26.09 42.56
N VAL C 97 22.82 25.06 42.97
CA VAL C 97 23.92 25.21 43.92
C VAL C 97 25.15 25.68 43.15
N SER C 98 25.76 26.78 43.63
CA SER C 98 26.82 27.46 42.90
C SER C 98 28.00 27.73 43.83
N PHE C 99 29.00 26.84 43.81
CA PHE C 99 30.30 27.16 44.34
C PHE C 99 31.02 28.08 43.36
N ASN C 100 31.93 28.91 43.88
CA ASN C 100 32.65 29.84 43.03
C ASN C 100 33.48 29.09 41.99
N GLY C 101 32.95 29.00 40.77
CA GLY C 101 33.60 28.26 39.70
C GLY C 101 32.83 27.04 39.22
N LEU C 102 31.70 26.68 39.82
CA LEU C 102 30.94 25.50 39.41
C LEU C 102 29.49 25.67 39.85
N ARG C 103 28.56 25.40 38.94
CA ARG C 103 27.13 25.53 39.22
C ARG C 103 26.43 24.25 38.77
N LYS C 104 25.56 23.71 39.63
CA LYS C 104 24.83 22.49 39.31
C LYS C 104 23.38 22.63 39.75
N TYR C 105 22.48 22.00 39.00
CA TYR C 105 21.06 22.01 39.30
C TYR C 105 20.41 20.80 38.65
N PRO C 106 19.30 20.31 39.18
CA PRO C 106 18.68 19.09 38.63
C PRO C 106 17.55 19.38 37.66
N LEU C 107 17.09 18.34 36.97
CA LEU C 107 15.98 18.44 36.02
C LEU C 107 15.16 17.15 36.08
N LEU C 108 13.90 17.24 35.63
CA LEU C 108 13.00 16.10 35.58
C LEU C 108 12.25 16.10 34.26
N PHE C 109 11.96 14.91 33.74
CA PHE C 109 11.24 14.78 32.48
C PHE C 109 10.36 13.54 32.52
N ASN C 110 9.10 13.69 32.09
CA ASN C 110 8.12 12.61 32.04
C ASN C 110 8.08 12.11 30.59
N VAL C 111 9.11 11.34 30.24
CA VAL C 111 9.32 10.94 28.85
C VAL C 111 8.58 9.64 28.57
N SER C 112 7.92 9.59 27.41
CA SER C 112 7.18 8.40 26.98
C SER C 112 7.19 8.37 25.46
N ILE C 113 7.98 7.49 24.88
CA ILE C 113 8.09 7.32 23.44
C ILE C 113 7.61 5.91 23.10
N PRO C 114 6.71 5.75 22.13
CA PRO C 114 6.25 4.40 21.76
C PRO C 114 7.40 3.55 21.25
N HIS C 115 7.37 2.25 21.59
CA HIS C 115 8.48 1.36 21.27
C HIS C 115 8.62 1.12 19.78
N HIS C 116 7.54 1.26 19.00
CA HIS C 116 7.58 1.04 17.56
C HIS C 116 7.98 2.28 16.78
N GLU C 117 8.79 3.16 17.37
CA GLU C 117 9.25 4.37 16.70
C GLU C 117 10.76 4.39 16.66
N GLU C 118 11.32 4.78 15.51
CA GLU C 118 12.76 4.90 15.35
C GLU C 118 13.17 6.30 15.78
N VAL C 119 13.69 6.41 17.00
CA VAL C 119 14.13 7.71 17.52
C VAL C 119 15.33 8.19 16.72
N ILE C 120 15.20 9.35 16.09
CA ILE C 120 16.25 9.88 15.22
C ILE C 120 17.24 10.70 16.03
N MET C 121 16.77 11.78 16.63
CA MET C 121 17.62 12.65 17.42
C MET C 121 16.89 13.09 18.68
N ALA C 122 17.65 13.60 19.64
CA ALA C 122 17.09 14.10 20.90
C ALA C 122 18.01 15.18 21.45
N GLU C 123 17.49 16.40 21.54
CA GLU C 123 18.26 17.55 21.98
C GLU C 123 17.74 18.05 23.33
N LEU C 124 18.66 18.27 24.26
CA LEU C 124 18.34 18.96 25.51
C LEU C 124 18.62 20.44 25.34
N ARG C 125 17.62 21.28 25.56
CA ARG C 125 17.74 22.71 25.38
C ARG C 125 17.92 23.37 26.74
N LEU C 126 19.02 24.10 26.91
CA LEU C 126 19.36 24.74 28.17
C LEU C 126 19.52 26.24 27.98
N TYR C 127 19.62 26.95 29.11
CA TYR C 127 19.79 28.40 29.15
C TYR C 127 18.68 29.11 28.39
N ASP C 141 33.85 30.81 28.01
CA ASP C 141 34.71 29.65 28.15
C ASP C 141 34.20 28.71 29.25
N ARG C 142 33.00 28.17 29.04
CA ARG C 142 32.36 27.29 30.01
C ARG C 142 32.14 25.92 29.39
N LYS C 143 32.44 24.88 30.17
CA LYS C 143 32.30 23.49 29.73
C LYS C 143 31.16 22.85 30.51
N ILE C 144 30.17 22.34 29.80
CA ILE C 144 28.95 21.80 30.39
C ILE C 144 29.00 20.28 30.33
N THR C 145 28.64 19.64 31.44
CA THR C 145 28.50 18.19 31.50
C THR C 145 27.09 17.86 31.97
N ILE C 146 26.43 16.96 31.28
CA ILE C 146 25.05 16.59 31.57
C ILE C 146 25.03 15.16 32.07
N PHE C 147 24.52 14.96 33.28
CA PHE C 147 24.50 13.67 33.94
C PHE C 147 23.10 13.07 33.92
N GLU C 148 23.03 11.79 34.30
CA GLU C 148 21.77 11.11 34.58
C GLU C 148 21.93 10.32 35.86
N VAL C 149 21.15 10.65 36.88
CA VAL C 149 21.21 9.96 38.16
C VAL C 149 20.33 8.73 38.09
N LEU C 150 20.93 7.55 38.21
CA LEU C 150 20.23 6.28 38.13
C LEU C 150 20.05 5.73 39.55
N GLU C 151 18.80 5.55 39.95
CA GLU C 151 18.50 4.96 41.25
C GLU C 151 17.12 4.31 41.22
N GLY C 158 25.86 5.99 50.59
CA GLY C 158 25.23 6.39 49.35
C GLY C 158 25.32 5.33 48.27
N GLU C 159 24.33 5.31 47.37
CA GLU C 159 24.31 4.36 46.27
C GLU C 159 23.90 5.00 44.95
N ARG C 160 23.85 6.32 44.87
CA ARG C 160 23.46 6.98 43.62
C ARG C 160 24.52 6.77 42.55
N ASN C 161 24.07 6.73 41.29
CA ASN C 161 24.91 6.42 40.16
C ASN C 161 24.70 7.49 39.10
N MET C 162 25.74 8.28 38.83
CA MET C 162 25.66 9.39 37.88
C MET C 162 26.42 9.01 36.61
N LEU C 163 25.70 9.01 35.49
CA LEU C 163 26.26 8.65 34.19
C LEU C 163 26.32 9.88 33.31
N VAL C 164 27.49 10.14 32.72
CA VAL C 164 27.64 11.29 31.83
C VAL C 164 26.93 11.00 30.52
N LEU C 165 25.98 11.86 30.16
CA LEU C 165 25.28 11.73 28.89
C LEU C 165 26.01 12.46 27.77
N VAL C 166 26.54 13.65 28.04
CA VAL C 166 27.25 14.44 27.04
C VAL C 166 28.13 15.46 27.73
N SER C 167 29.39 15.54 27.31
CA SER C 167 30.35 16.52 27.83
C SER C 167 30.72 17.44 26.66
N GLY C 168 30.00 18.55 26.55
CA GLY C 168 30.22 19.51 25.48
C GLY C 168 30.73 20.84 26.00
N GLU C 169 31.16 21.68 25.06
CA GLU C 169 31.71 22.99 25.36
C GLU C 169 30.96 24.04 24.57
N ILE C 170 30.81 25.23 25.16
CA ILE C 170 30.04 26.31 24.58
C ILE C 170 30.91 27.56 24.52
N TYR C 171 30.40 28.56 23.79
CA TYR C 171 30.95 29.90 23.77
C TYR C 171 30.14 30.81 24.69
N GLY C 172 30.76 31.93 25.08
CA GLY C 172 30.21 32.81 26.08
C GLY C 172 29.54 34.07 25.56
N THR C 173 29.43 34.26 24.25
CA THR C 173 28.90 35.48 23.67
C THR C 173 27.45 35.27 23.25
N ASN C 174 26.53 35.83 24.04
CA ASN C 174 25.09 35.86 23.76
C ASN C 174 24.61 34.54 23.16
N SER C 175 25.03 33.43 23.79
CA SER C 175 24.70 32.12 23.25
C SER C 175 23.21 31.84 23.29
N GLU C 176 22.52 32.39 24.29
CA GLU C 176 21.08 32.19 24.50
C GLU C 176 20.83 30.70 24.67
N TRP C 177 20.05 30.06 23.81
CA TRP C 177 19.74 28.64 23.98
C TRP C 177 20.83 27.77 23.37
N GLU C 178 21.39 26.86 24.16
CA GLU C 178 22.38 25.91 23.71
C GLU C 178 21.79 24.51 23.71
N THR C 179 22.09 23.73 22.67
CA THR C 179 21.55 22.41 22.49
C THR C 179 22.61 21.35 22.75
N PHE C 180 22.15 20.19 23.24
CA PHE C 180 23.05 19.09 23.58
C PHE C 180 22.45 17.78 23.12
N ASP C 181 23.30 16.90 22.60
CA ASP C 181 22.86 15.64 22.02
C ASP C 181 22.74 14.59 23.12
N VAL C 182 21.51 14.23 23.47
CA VAL C 182 21.26 13.19 24.46
C VAL C 182 20.48 12.06 23.79
N THR C 183 20.71 11.87 22.50
CA THR C 183 19.96 10.86 21.75
C THR C 183 20.19 9.46 22.30
N ASP C 184 21.44 9.14 22.63
CA ASP C 184 21.73 7.80 23.15
C ASP C 184 20.93 7.52 24.41
N ALA C 185 20.85 8.50 25.32
CA ALA C 185 20.10 8.29 26.55
C ALA C 185 18.61 8.11 26.28
N ILE C 186 18.10 8.73 25.23
CA ILE C 186 16.67 8.63 24.93
C ILE C 186 16.35 7.26 24.34
N ARG C 187 17.17 6.79 23.40
CA ARG C 187 16.98 5.43 22.90
C ARG C 187 17.06 4.41 24.01
N ARG C 188 17.86 4.68 25.04
CA ARG C 188 17.92 3.82 26.21
C ARG C 188 16.59 3.86 26.98
N TRP C 189 15.97 5.04 27.06
CA TRP C 189 14.71 5.16 27.78
C TRP C 189 13.54 4.57 27.00
N GLN C 190 13.63 4.57 25.66
CA GLN C 190 12.56 3.99 24.85
C GLN C 190 12.55 2.47 24.99
N LYS C 191 13.73 1.84 24.95
CA LYS C 191 13.79 0.39 25.10
C LYS C 191 13.31 -0.06 26.47
N SER C 192 13.49 0.77 27.50
CA SER C 192 12.96 0.49 28.82
C SER C 192 11.57 1.11 28.95
N GLY C 193 10.99 0.99 30.15
CA GLY C 193 9.64 1.48 30.36
C GLY C 193 9.56 2.99 30.38
N SER C 194 8.39 3.50 30.00
CA SER C 194 8.10 4.93 30.09
C SER C 194 8.13 5.37 31.54
N SER C 195 9.22 6.02 31.96
CA SER C 195 9.40 6.44 33.33
C SER C 195 9.81 7.91 33.37
N THR C 196 9.92 8.44 34.58
CA THR C 196 10.46 9.78 34.79
C THR C 196 11.95 9.68 35.05
N HIS C 197 12.73 10.53 34.37
CA HIS C 197 14.18 10.50 34.47
C HIS C 197 14.69 11.82 35.04
N GLN C 198 15.74 11.73 35.84
CA GLN C 198 16.28 12.89 36.55
C GLN C 198 17.70 13.17 36.05
N LEU C 199 17.97 14.43 35.73
CA LEU C 199 19.24 14.85 35.16
C LEU C 199 19.91 15.89 36.06
N GLU C 200 21.19 16.12 35.79
CA GLU C 200 21.95 17.18 36.44
C GLU C 200 22.83 17.86 35.40
N VAL C 201 22.97 19.17 35.52
CA VAL C 201 23.81 19.96 34.61
C VAL C 201 24.93 20.58 35.42
N HIS C 202 26.16 20.39 34.96
CA HIS C 202 27.35 20.91 35.63
C HIS C 202 28.07 21.86 34.69
N ILE C 203 28.29 23.11 35.14
CA ILE C 203 28.94 24.14 34.36
C ILE C 203 30.11 24.70 35.15
N GLU C 204 31.29 24.72 34.55
CA GLU C 204 32.51 25.15 35.21
C GLU C 204 33.06 26.43 34.58
N SER C 205 33.91 27.10 35.34
CA SER C 205 34.55 28.33 34.88
C SER C 205 35.58 28.04 33.79
N ASN C 226 10.21 29.54 34.53
CA ASN C 226 8.98 30.08 33.97
C ASN C 226 8.97 29.90 32.45
N LYS C 227 9.47 30.90 31.73
CA LYS C 227 9.58 30.83 30.28
C LYS C 227 10.94 30.36 29.80
N HIS C 228 11.99 30.50 30.62
CA HIS C 228 13.30 29.95 30.34
C HIS C 228 13.45 28.52 30.85
N ASN C 229 12.35 27.78 30.95
CA ASN C 229 12.40 26.41 31.45
C ASN C 229 13.06 25.50 30.43
N PRO C 230 14.08 24.72 30.81
CA PRO C 230 14.67 23.77 29.85
C PRO C 230 13.66 22.73 29.41
N LEU C 231 13.71 22.38 28.13
CA LEU C 231 12.80 21.39 27.57
C LEU C 231 13.59 20.42 26.70
N LEU C 232 13.13 19.18 26.66
CA LEU C 232 13.79 18.09 25.96
C LEU C 232 12.99 17.75 24.71
N ILE C 233 13.65 17.83 23.55
CA ILE C 233 13.02 17.60 22.26
C ILE C 233 13.43 16.21 21.75
N VAL C 234 12.45 15.47 21.23
CA VAL C 234 12.68 14.10 20.77
C VAL C 234 12.11 13.95 19.37
N PHE C 235 12.99 13.67 18.40
CA PHE C 235 12.60 13.41 17.02
C PHE C 235 12.49 11.91 16.80
N SER C 236 11.42 11.48 16.13
CA SER C 236 11.22 10.06 15.88
C SER C 236 10.35 9.88 14.65
N ASP C 237 10.58 8.78 13.93
CA ASP C 237 9.80 8.43 12.76
C ASP C 237 8.84 7.30 13.09
N ASP C 238 7.76 7.22 12.31
CA ASP C 238 6.71 6.22 12.51
C ASP C 238 6.97 5.06 11.57
N GLN C 239 7.81 4.13 12.01
CA GLN C 239 8.18 2.99 11.19
C GLN C 239 7.06 1.95 11.15
N PRO D 60 -12.04 -22.96 -25.97
CA PRO D 60 -12.05 -23.78 -24.76
C PRO D 60 -11.29 -25.08 -24.92
N PRO D 61 -9.96 -25.01 -24.95
CA PRO D 61 -9.17 -26.25 -25.03
C PRO D 61 -9.38 -27.08 -23.78
N GLU D 62 -9.40 -28.40 -23.95
CA GLU D 62 -9.59 -29.30 -22.82
C GLU D 62 -8.50 -29.10 -21.78
N TYR D 63 -7.28 -28.82 -22.22
CA TYR D 63 -6.18 -28.63 -21.28
C TYR D 63 -6.41 -27.40 -20.40
N MET D 64 -6.77 -26.28 -21.02
CA MET D 64 -7.03 -25.05 -20.25
C MET D 64 -8.24 -25.21 -19.35
N LEU D 65 -9.31 -25.85 -19.86
CA LEU D 65 -10.46 -26.14 -19.00
C LEU D 65 -10.07 -27.09 -17.88
N GLU D 66 -9.23 -28.09 -18.19
CA GLU D 66 -8.80 -29.02 -17.15
C GLU D 66 -7.87 -28.35 -16.16
N LEU D 67 -7.18 -27.29 -16.57
CA LEU D 67 -6.33 -26.55 -15.64
C LEU D 67 -7.17 -25.69 -14.70
N TYR D 68 -8.25 -25.10 -15.20
CA TYR D 68 -9.14 -24.34 -14.32
C TYR D 68 -9.76 -25.24 -13.27
N ASN D 69 -10.27 -26.41 -13.69
CA ASN D 69 -10.91 -27.32 -12.77
C ASN D 69 -9.90 -27.99 -11.83
N LYS D 70 -8.62 -28.05 -12.21
CA LYS D 70 -7.62 -28.62 -11.32
C LYS D 70 -7.37 -27.71 -10.13
N PHE D 71 -7.14 -26.43 -10.39
CA PHE D 71 -6.78 -25.49 -9.33
C PHE D 71 -7.98 -24.89 -8.62
N ALA D 72 -9.20 -25.16 -9.10
CA ALA D 72 -10.39 -24.71 -8.39
C ALA D 72 -10.84 -25.71 -7.33
N THR D 73 -10.60 -27.01 -7.55
CA THR D 73 -10.97 -28.05 -6.61
C THR D 73 -9.83 -28.46 -5.69
N ASP D 74 -8.61 -28.58 -6.22
CA ASP D 74 -7.43 -28.89 -5.41
C ASP D 74 -6.79 -27.57 -4.99
N ARG D 75 -7.17 -27.09 -3.81
CA ARG D 75 -6.60 -25.86 -3.27
C ARG D 75 -5.29 -26.12 -2.53
N THR D 76 -4.76 -27.34 -2.60
CA THR D 76 -3.47 -27.65 -2.01
C THR D 76 -2.30 -27.20 -2.87
N SER D 77 -2.55 -26.85 -4.13
CA SER D 77 -1.48 -26.43 -5.03
C SER D 77 -2.01 -25.35 -5.97
N MET D 78 -1.10 -24.55 -6.49
CA MET D 78 -1.40 -23.43 -7.36
C MET D 78 -0.38 -23.40 -8.48
N PRO D 79 -0.70 -22.74 -9.60
CA PRO D 79 0.24 -22.72 -10.73
C PRO D 79 1.55 -22.02 -10.37
N SER D 80 2.62 -22.41 -11.08
CA SER D 80 3.91 -21.79 -10.87
C SER D 80 3.93 -20.34 -11.33
N ALA D 81 3.06 -19.98 -12.28
CA ALA D 81 2.95 -18.61 -12.76
C ALA D 81 1.50 -18.17 -12.66
N ASN D 82 1.30 -16.85 -12.68
CA ASN D 82 -0.05 -16.30 -12.58
C ASN D 82 -0.80 -16.41 -13.91
N ILE D 83 -0.12 -16.13 -15.02
CA ILE D 83 -0.76 -16.10 -16.34
C ILE D 83 -0.35 -17.36 -17.10
N ILE D 84 -1.35 -18.02 -17.69
CA ILE D 84 -1.13 -19.21 -18.50
C ILE D 84 -1.87 -19.02 -19.82
N ARG D 85 -1.11 -18.93 -20.92
CA ARG D 85 -1.68 -18.82 -22.25
C ARG D 85 -1.39 -20.09 -23.04
N SER D 86 -2.34 -20.49 -23.88
CA SER D 86 -2.19 -21.65 -24.76
C SER D 86 -2.44 -21.20 -26.19
N PHE D 87 -1.41 -21.26 -27.02
CA PHE D 87 -1.49 -20.88 -28.42
C PHE D 87 -1.74 -22.13 -29.27
N LYS D 88 -2.57 -21.97 -30.29
CA LYS D 88 -2.99 -23.09 -31.12
C LYS D 88 -2.10 -23.21 -32.36
N ASN D 89 -2.07 -24.42 -32.92
CA ASN D 89 -1.42 -24.67 -34.20
C ASN D 89 -2.39 -24.38 -35.32
N GLU D 90 -1.96 -23.60 -36.30
CA GLU D 90 -2.82 -23.19 -37.41
C GLU D 90 -2.52 -23.92 -38.72
N ASP D 91 -1.59 -24.87 -38.72
CA ASP D 91 -1.24 -25.63 -39.91
C ASP D 91 -1.70 -27.08 -39.75
N LEU D 92 -3.02 -27.26 -39.80
CA LEU D 92 -3.62 -28.59 -39.67
C LEU D 92 -3.89 -29.25 -41.01
N PHE D 93 -3.63 -28.56 -42.12
CA PHE D 93 -3.87 -29.10 -43.46
C PHE D 93 -2.59 -29.76 -44.00
N SER D 94 -2.10 -30.74 -43.24
CA SER D 94 -0.90 -31.47 -43.61
C SER D 94 -0.93 -32.86 -42.99
N GLN D 95 -0.20 -33.78 -43.62
CA GLN D 95 -0.10 -35.15 -43.16
C GLN D 95 1.36 -35.60 -43.23
N PRO D 96 1.83 -36.38 -42.24
CA PRO D 96 3.22 -36.86 -42.21
C PRO D 96 3.50 -37.90 -43.29
N TYR D 105 5.87 -33.81 -39.62
CA TYR D 105 4.80 -32.85 -39.85
C TYR D 105 5.14 -31.49 -39.22
N PRO D 106 4.85 -30.41 -39.94
CA PRO D 106 5.17 -29.07 -39.45
C PRO D 106 4.06 -28.48 -38.58
N LEU D 107 4.46 -27.47 -37.79
CA LEU D 107 3.55 -26.75 -36.92
C LEU D 107 3.81 -25.25 -37.06
N LEU D 108 2.80 -24.45 -36.73
CA LEU D 108 2.90 -23.00 -36.80
C LEU D 108 2.11 -22.39 -35.66
N PHE D 109 2.71 -21.36 -35.03
CA PHE D 109 2.13 -20.72 -33.86
C PHE D 109 2.16 -19.22 -34.00
N ASN D 110 1.11 -18.56 -33.52
CA ASN D 110 0.98 -17.11 -33.56
C ASN D 110 1.21 -16.55 -32.15
N VAL D 111 2.46 -16.63 -31.70
CA VAL D 111 2.79 -16.31 -30.32
C VAL D 111 3.00 -14.81 -30.18
N SER D 112 2.48 -14.25 -29.08
CA SER D 112 2.63 -12.83 -28.78
C SER D 112 2.51 -12.64 -27.27
N ILE D 113 3.59 -12.22 -26.63
CA ILE D 113 3.65 -12.10 -25.18
C ILE D 113 4.21 -10.74 -24.81
N PRO D 114 3.63 -10.04 -23.83
CA PRO D 114 4.19 -8.75 -23.41
C PRO D 114 5.62 -8.89 -22.93
N HIS D 115 6.41 -7.84 -23.20
CA HIS D 115 7.84 -7.90 -22.92
C HIS D 115 8.15 -7.77 -21.43
N HIS D 116 7.28 -7.13 -20.65
CA HIS D 116 7.54 -6.97 -19.23
C HIS D 116 7.26 -8.24 -18.44
N GLU D 117 6.54 -9.20 -19.02
CA GLU D 117 6.25 -10.44 -18.33
C GLU D 117 7.46 -11.37 -18.37
N GLU D 118 7.74 -12.02 -17.23
CA GLU D 118 8.86 -12.94 -17.12
C GLU D 118 8.35 -14.35 -17.45
N VAL D 119 8.76 -14.88 -18.60
CA VAL D 119 8.35 -16.22 -19.01
C VAL D 119 8.99 -17.22 -18.06
N ILE D 120 8.15 -17.90 -17.26
CA ILE D 120 8.66 -18.87 -16.29
C ILE D 120 8.96 -20.20 -16.97
N MET D 121 8.08 -20.66 -17.85
CA MET D 121 8.25 -21.95 -18.49
C MET D 121 7.34 -22.02 -19.72
N ALA D 122 7.76 -22.82 -20.69
CA ALA D 122 6.98 -23.05 -21.90
C ALA D 122 7.01 -24.54 -22.23
N GLU D 123 5.84 -25.09 -22.53
CA GLU D 123 5.71 -26.51 -22.85
C GLU D 123 5.01 -26.68 -24.19
N LEU D 124 5.57 -27.52 -25.05
CA LEU D 124 4.94 -27.89 -26.32
C LEU D 124 4.28 -29.25 -26.16
N ARG D 125 2.98 -29.31 -26.39
CA ARG D 125 2.20 -30.52 -26.19
C ARG D 125 1.94 -31.20 -27.54
N LEU D 126 2.41 -32.44 -27.68
CA LEU D 126 2.24 -33.21 -28.91
C LEU D 126 1.46 -34.48 -28.60
N TYR D 127 0.75 -34.97 -29.62
CA TYR D 127 -0.02 -36.20 -29.52
C TYR D 127 0.65 -37.29 -30.36
N THR D 128 0.93 -38.43 -29.73
CA THR D 128 1.57 -39.56 -30.40
C THR D 128 0.62 -40.74 -30.39
N LEU D 129 0.65 -41.52 -31.46
CA LEU D 129 -0.23 -42.68 -31.59
C LEU D 129 0.21 -43.81 -30.68
N ASP D 141 9.84 -47.24 -28.33
CA ASP D 141 10.68 -46.18 -27.79
C ASP D 141 11.57 -45.58 -28.87
N ARG D 142 11.23 -44.36 -29.29
CA ARG D 142 11.99 -43.65 -30.32
C ARG D 142 12.33 -42.24 -29.84
N LYS D 143 13.10 -41.54 -30.66
CA LYS D 143 13.59 -40.21 -30.35
C LYS D 143 12.87 -39.18 -31.20
N ILE D 144 12.45 -38.09 -30.58
CA ILE D 144 11.72 -37.01 -31.23
C ILE D 144 12.54 -35.73 -31.12
N THR D 145 12.75 -35.07 -32.25
CA THR D 145 13.49 -33.81 -32.32
C THR D 145 12.59 -32.70 -32.82
N ILE D 146 12.77 -31.50 -32.28
CA ILE D 146 11.92 -30.35 -32.60
C ILE D 146 12.83 -29.19 -33.02
N PHE D 147 12.60 -28.65 -34.21
CA PHE D 147 13.42 -27.59 -34.78
C PHE D 147 12.60 -26.34 -35.03
N GLU D 148 13.30 -25.23 -35.23
CA GLU D 148 12.70 -23.94 -35.56
C GLU D 148 13.14 -23.54 -36.96
N VAL D 149 12.19 -23.55 -37.91
CA VAL D 149 12.52 -23.24 -39.29
C VAL D 149 12.90 -21.77 -39.43
N LEU D 150 13.94 -21.50 -40.21
CA LEU D 150 14.45 -20.15 -40.40
C LEU D 150 14.90 -19.98 -41.85
N GLU D 151 14.24 -19.08 -42.57
CA GLU D 151 14.59 -18.80 -43.95
C GLU D 151 14.09 -17.44 -44.40
N ARG D 160 18.56 -25.60 -44.18
CA ARG D 160 17.67 -24.46 -43.99
C ARG D 160 17.96 -23.76 -42.66
N ASN D 161 19.19 -23.93 -42.16
CA ASN D 161 19.63 -23.35 -40.89
C ASN D 161 18.66 -23.73 -39.76
N MET D 162 18.35 -25.01 -39.67
CA MET D 162 17.43 -25.49 -38.65
C MET D 162 18.08 -25.41 -37.28
N LEU D 163 17.33 -24.89 -36.30
CA LEU D 163 17.82 -24.73 -34.94
C LEU D 163 17.11 -25.72 -34.03
N VAL D 164 17.89 -26.59 -33.39
CA VAL D 164 17.31 -27.59 -32.49
C VAL D 164 16.88 -26.90 -31.21
N LEU D 165 15.65 -27.19 -30.78
CA LEU D 165 15.10 -26.63 -29.55
C LEU D 165 15.08 -27.62 -28.40
N VAL D 166 14.67 -28.86 -28.66
CA VAL D 166 14.63 -29.91 -27.65
C VAL D 166 14.53 -31.24 -28.37
N SER D 167 15.13 -32.27 -27.78
CA SER D 167 15.11 -33.61 -28.37
C SER D 167 15.29 -34.64 -27.27
N GLY D 168 14.34 -35.57 -27.17
CA GLY D 168 14.41 -36.61 -26.18
C GLY D 168 13.92 -37.94 -26.74
N GLU D 169 14.12 -39.00 -25.96
CA GLU D 169 13.70 -40.34 -26.33
C GLU D 169 12.42 -40.67 -25.56
N ILE D 170 11.27 -40.54 -26.22
CA ILE D 170 10.01 -40.82 -25.58
C ILE D 170 9.75 -42.33 -25.57
N TYR D 171 8.83 -42.75 -24.71
CA TYR D 171 8.43 -44.15 -24.59
C TYR D 171 7.16 -44.40 -25.40
N GLY D 172 7.06 -45.62 -25.93
CA GLY D 172 5.94 -45.97 -26.78
C GLY D 172 4.92 -46.87 -26.10
N THR D 173 4.90 -46.89 -24.77
CA THR D 173 3.96 -47.72 -24.02
C THR D 173 2.62 -47.00 -23.95
N ASN D 174 1.87 -47.10 -25.05
CA ASN D 174 0.56 -46.47 -25.18
C ASN D 174 0.64 -44.97 -24.88
N SER D 175 1.67 -44.32 -25.40
CA SER D 175 1.86 -42.90 -25.18
C SER D 175 0.76 -42.10 -25.87
N GLU D 176 0.29 -41.04 -25.19
CA GLU D 176 -0.77 -40.19 -25.72
C GLU D 176 -0.28 -38.76 -25.88
N TRP D 177 -0.15 -38.01 -24.80
CA TRP D 177 0.35 -36.65 -24.84
C TRP D 177 1.73 -36.57 -24.22
N GLU D 178 2.64 -35.87 -24.90
CA GLU D 178 4.02 -35.73 -24.46
C GLU D 178 4.40 -34.26 -24.49
N THR D 179 4.94 -33.75 -23.39
CA THR D 179 5.34 -32.36 -23.29
C THR D 179 6.86 -32.24 -23.40
N PHE D 180 7.29 -31.14 -24.02
CA PHE D 180 8.71 -30.84 -24.20
C PHE D 180 8.96 -29.39 -23.86
N ASP D 181 10.04 -29.13 -23.13
CA ASP D 181 10.35 -27.78 -22.66
C ASP D 181 10.94 -26.97 -23.81
N VAL D 182 10.28 -25.86 -24.15
CA VAL D 182 10.77 -24.96 -25.19
C VAL D 182 10.81 -23.54 -24.62
N THR D 183 11.21 -23.43 -23.35
CA THR D 183 11.19 -22.13 -22.68
C THR D 183 12.11 -21.14 -23.37
N ASP D 184 13.37 -21.51 -23.58
CA ASP D 184 14.34 -20.57 -24.14
C ASP D 184 13.93 -20.11 -25.53
N ALA D 185 13.30 -20.99 -26.32
CA ALA D 185 12.84 -20.58 -27.65
C ALA D 185 11.81 -19.46 -27.55
N ILE D 186 10.92 -19.54 -26.56
CA ILE D 186 9.89 -18.50 -26.40
C ILE D 186 10.50 -17.21 -25.88
N ARG D 187 11.52 -17.29 -25.02
CA ARG D 187 12.05 -16.09 -24.39
C ARG D 187 12.65 -15.14 -25.42
N ARG D 188 13.39 -15.67 -26.39
CA ARG D 188 13.88 -14.81 -27.46
C ARG D 188 12.81 -14.48 -28.48
N TRP D 189 11.75 -15.31 -28.59
CA TRP D 189 10.59 -14.90 -29.36
C TRP D 189 9.87 -13.74 -28.67
N GLN D 190 9.94 -13.68 -27.34
CA GLN D 190 9.35 -12.55 -26.62
C GLN D 190 10.09 -11.26 -26.93
N LYS D 191 11.38 -11.34 -27.25
CA LYS D 191 12.17 -10.15 -27.58
C LYS D 191 11.94 -9.78 -29.04
N SER D 192 10.83 -9.11 -29.27
CA SER D 192 10.47 -8.54 -30.59
C SER D 192 10.38 -9.68 -31.60
N GLY D 193 10.85 -9.47 -32.82
CA GLY D 193 10.78 -10.50 -33.85
C GLY D 193 9.39 -10.71 -34.38
N SER D 194 9.32 -11.44 -35.47
CA SER D 194 8.05 -11.79 -36.09
C SER D 194 7.25 -12.69 -35.15
N SER D 195 6.06 -12.22 -34.77
CA SER D 195 5.23 -12.98 -33.84
C SER D 195 4.86 -14.35 -34.37
N THR D 196 4.85 -14.52 -35.70
CA THR D 196 4.56 -15.82 -36.28
C THR D 196 5.82 -16.68 -36.29
N HIS D 197 5.68 -17.94 -35.85
CA HIS D 197 6.79 -18.87 -35.81
C HIS D 197 6.34 -20.21 -36.35
N GLN D 198 7.28 -20.92 -36.98
CA GLN D 198 7.01 -22.22 -37.59
C GLN D 198 8.07 -23.22 -37.14
N LEU D 199 7.63 -24.41 -36.73
CA LEU D 199 8.49 -25.48 -36.27
C LEU D 199 8.29 -26.71 -37.17
N GLU D 200 8.93 -27.82 -36.78
CA GLU D 200 8.75 -29.09 -37.48
C GLU D 200 9.22 -30.20 -36.56
N VAL D 201 8.42 -31.26 -36.45
CA VAL D 201 8.71 -32.40 -35.59
C VAL D 201 9.06 -33.59 -36.46
N HIS D 202 10.10 -34.32 -36.08
CA HIS D 202 10.58 -35.47 -36.82
C HIS D 202 10.53 -36.71 -35.95
N ILE D 203 9.94 -37.78 -36.46
CA ILE D 203 9.90 -39.07 -35.79
C ILE D 203 10.89 -40.01 -36.48
N GLU D 204 11.57 -40.82 -35.70
CA GLU D 204 12.62 -41.69 -36.20
C GLU D 204 12.15 -43.14 -36.26
N SER D 205 12.89 -43.95 -37.00
CA SER D 205 12.55 -45.36 -37.18
C SER D 205 12.85 -46.17 -35.92
N ASN D 226 -10.23 -35.57 -35.64
CA ASN D 226 -9.08 -35.46 -34.75
C ASN D 226 -8.95 -34.07 -34.16
N LYS D 227 -9.41 -33.90 -32.92
CA LYS D 227 -9.19 -32.67 -32.17
C LYS D 227 -7.92 -32.70 -31.33
N HIS D 228 -6.93 -33.50 -31.74
CA HIS D 228 -5.66 -33.61 -31.06
C HIS D 228 -4.64 -32.59 -31.52
N ASN D 229 -5.09 -31.51 -32.15
CA ASN D 229 -4.22 -30.48 -32.70
C ASN D 229 -3.22 -30.02 -31.65
N PRO D 230 -1.91 -30.17 -31.89
CA PRO D 230 -0.93 -29.78 -30.88
C PRO D 230 -1.04 -28.30 -30.54
N LEU D 231 -0.62 -27.95 -29.33
CA LEU D 231 -0.68 -26.56 -28.89
C LEU D 231 0.49 -26.27 -27.96
N LEU D 232 0.80 -24.99 -27.85
CA LEU D 232 1.94 -24.50 -27.09
C LEU D 232 1.44 -23.67 -25.91
N ILE D 233 1.92 -23.99 -24.71
CA ILE D 233 1.48 -23.36 -23.48
C ILE D 233 2.64 -22.58 -22.88
N VAL D 234 2.40 -21.32 -22.53
CA VAL D 234 3.41 -20.44 -21.96
C VAL D 234 2.95 -20.01 -20.57
N PHE D 235 3.77 -20.29 -19.56
CA PHE D 235 3.55 -19.84 -18.20
C PHE D 235 4.38 -18.57 -17.98
N SER D 236 3.72 -17.48 -17.59
CA SER D 236 4.39 -16.20 -17.42
C SER D 236 3.84 -15.48 -16.21
N ASP D 237 4.73 -14.76 -15.51
CA ASP D 237 4.35 -13.93 -14.38
C ASP D 237 4.30 -12.46 -14.81
N ASP D 238 3.38 -11.72 -14.20
CA ASP D 238 3.15 -10.32 -14.54
C ASP D 238 3.74 -9.45 -13.43
N GLN D 239 4.67 -8.58 -13.81
CA GLN D 239 5.33 -7.70 -12.84
C GLN D 239 5.06 -6.23 -13.17
O1 TAR E . -13.75 -7.15 -23.42
O11 TAR E . -12.22 -8.71 -23.02
C1 TAR E . -12.73 -7.57 -22.85
C2 TAR E . -12.02 -6.64 -21.87
O2 TAR E . -12.02 -5.30 -22.38
C3 TAR E . -12.75 -6.66 -20.52
O3 TAR E . -14.11 -6.22 -20.69
C4 TAR E . -12.03 -5.73 -19.52
O4 TAR E . -12.75 -5.14 -18.68
O41 TAR E . -10.80 -5.63 -19.64
C1 NAG F . 3.68 11.71 34.31
C2 NAG F . 2.50 11.36 33.38
C3 NAG F . 1.41 10.61 34.16
C4 NAG F . 1.99 9.50 35.02
C5 NAG F . 3.15 10.01 35.86
C6 NAG F . 3.82 8.96 36.69
C7 NAG F . 1.05 12.58 31.80
C8 NAG F . 0.61 13.93 31.32
N2 NAG F . 1.96 12.56 32.77
O3 NAG F . 0.48 10.05 33.23
O4 NAG F . 0.98 9.00 35.90
O5 NAG F . 4.14 10.55 34.97
O6 NAG F . 4.96 9.48 37.36
O7 NAG F . 0.59 11.54 31.33
C1 NAG G . -1.72 -13.77 -36.15
C2 NAG G . -2.82 -12.94 -35.48
C3 NAG G . -3.12 -11.68 -36.30
C4 NAG G . -1.84 -10.91 -36.56
C5 NAG G . -0.79 -11.82 -37.19
C6 NAG G . 0.55 -11.13 -37.38
C7 NAG G . -4.99 -13.45 -34.42
C8 NAG G . -6.16 -14.38 -34.39
N2 NAG G . -4.04 -13.73 -35.31
O3 NAG G . -4.05 -10.86 -35.61
O4 NAG G . -2.11 -9.82 -37.45
O5 NAG G . -0.55 -12.94 -36.34
O6 NAG G . 1.31 -11.76 -38.41
O7 NAG G . -4.90 -12.48 -33.67
#